data_7W8F
#
_entry.id   7W8F
#
_cell.length_a   34.800
_cell.length_b   57.890
_cell.length_c   62.700
_cell.angle_alpha   90.000
_cell.angle_beta   95.020
_cell.angle_gamma   90.000
#
_symmetry.space_group_name_H-M   'P 1 21 1'
#
loop_
_entity.id
_entity.type
_entity.pdbx_description
1 polymer 'Putative periplasm binding protein'
2 non-polymer 'desferrioxamine B'
3 non-polymer 'FE (III) ION'
4 non-polymer 'MAGNESIUM ION'
5 water water
#
_entity_poly.entity_id   1
_entity_poly.type   'polypeptide(L)'
_entity_poly.pdbx_seq_one_letter_code
;PDITHEMGTTSFETTPKKVVALDWVLTETVLSLGIELEGAANISGYQQWVAEPHLNADAIDVGSRREPNLELLSNIKPDV
ILISKHLAAAYEPLSKIAPVLVYSVYSEDKQPLESAKRITRSLGKLFDKEQQAEQVIAQTDQRLAANGAKITSAGKAEKP
LLFARFINDKTLRIHSEGSLAQDTINAMGLKNDWQEPTNLWGFTTTGTEKLAEHQKANVMIFGPLSQEERQQLTQSPLWQ
AMEFSRTDSVYELPAIWTFGGLLAAQRLSDHITGRLTQPQ
;
_entity_poly.pdbx_strand_id   A
#
loop_
_chem_comp.id
_chem_comp.type
_chem_comp.name
_chem_comp.formula
FE non-polymer 'FE (III) ION' 'Fe 3'
KTY non-polymer 'desferrioxamine B' 'C25 H48 N6 O8'
MG non-polymer 'MAGNESIUM ION' 'Mg 2'
#
# COMPACT_ATOMS: atom_id res chain seq x y z
N PRO A 1 -26.07 3.18 13.44
CA PRO A 1 -26.09 2.11 12.42
C PRO A 1 -25.76 2.54 10.98
N ASP A 2 -25.96 3.82 10.61
CA ASP A 2 -25.80 4.34 9.22
C ASP A 2 -24.31 4.62 8.93
N ILE A 3 -23.73 3.98 7.92
CA ILE A 3 -22.32 4.17 7.46
C ILE A 3 -22.37 4.91 6.13
N THR A 4 -21.62 6.00 5.96
CA THR A 4 -21.43 6.63 4.63
C THR A 4 -20.18 6.06 3.96
N HIS A 5 -20.27 5.80 2.66
CA HIS A 5 -19.15 5.37 1.80
C HIS A 5 -19.29 6.15 0.51
N GLU A 6 -18.52 5.81 -0.53
CA GLU A 6 -18.41 6.67 -1.73
C GLU A 6 -19.65 6.50 -2.61
N MET A 7 -20.49 5.50 -2.34
CA MET A 7 -21.75 5.22 -3.10
C MET A 7 -22.99 5.47 -2.23
N GLY A 8 -22.83 6.17 -1.09
CA GLY A 8 -23.98 6.73 -0.36
C GLY A 8 -23.96 6.35 1.11
N THR A 9 -25.10 5.93 1.65
CA THR A 9 -25.27 5.60 3.09
C THR A 9 -25.93 4.25 3.24
N THR A 10 -25.37 3.40 4.08
CA THR A 10 -25.83 2.03 4.31
C THR A 10 -26.00 1.87 5.81
N SER A 11 -27.06 1.21 6.24
CA SER A 11 -27.34 0.95 7.66
C SER A 11 -27.03 -0.52 7.95
N PHE A 12 -26.45 -0.78 9.12
CA PHE A 12 -26.22 -2.13 9.64
C PHE A 12 -26.76 -2.14 11.07
N GLU A 13 -27.74 -2.99 11.36
CA GLU A 13 -28.32 -2.99 12.73
C GLU A 13 -27.42 -3.83 13.63
N THR A 14 -26.71 -4.82 13.10
CA THR A 14 -25.59 -5.50 13.80
C THR A 14 -24.28 -5.26 13.03
N THR A 15 -23.13 -5.26 13.71
CA THR A 15 -21.81 -5.16 13.05
C THR A 15 -21.66 -6.35 12.12
N PRO A 16 -21.32 -6.13 10.83
CA PRO A 16 -21.13 -7.25 9.92
C PRO A 16 -19.97 -8.10 10.46
N LYS A 17 -20.21 -9.41 10.59
CA LYS A 17 -19.25 -10.41 11.11
C LYS A 17 -18.44 -11.00 9.96
N LYS A 18 -19.08 -11.39 8.85
CA LYS A 18 -18.40 -12.07 7.72
C LYS A 18 -18.05 -11.03 6.66
N VAL A 19 -16.77 -10.74 6.52
CA VAL A 19 -16.28 -9.55 5.79
C VAL A 19 -15.52 -10.05 4.58
N VAL A 20 -15.86 -9.52 3.40
CA VAL A 20 -15.03 -9.73 2.18
C VAL A 20 -14.42 -8.40 1.75
N ALA A 21 -13.12 -8.40 1.44
CA ALA A 21 -12.42 -7.22 0.90
C ALA A 21 -11.89 -7.62 -0.49
N LEU A 22 -12.11 -6.77 -1.50
CA LEU A 22 -11.75 -7.11 -2.89
C LEU A 22 -10.54 -6.30 -3.37
N ASP A 23 -9.87 -5.58 -2.47
CA ASP A 23 -8.50 -5.13 -2.78
C ASP A 23 -7.66 -5.30 -1.52
N TRP A 24 -6.36 -5.21 -1.73
CA TRP A 24 -5.36 -5.57 -0.70
C TRP A 24 -5.25 -4.48 0.35
N VAL A 25 -5.43 -3.21 0.00
CA VAL A 25 -5.32 -2.15 1.04
C VAL A 25 -6.55 -2.24 1.97
N LEU A 26 -7.74 -2.56 1.45
CA LEU A 26 -8.92 -2.74 2.33
C LEU A 26 -8.72 -4.01 3.16
N THR A 27 -8.09 -5.03 2.61
CA THR A 27 -7.73 -6.27 3.37
C THR A 27 -6.83 -5.90 4.55
N GLU A 28 -5.78 -5.14 4.29
CA GLU A 28 -4.81 -4.65 5.30
C GLU A 28 -5.55 -3.82 6.35
N THR A 29 -6.48 -2.96 5.91
CA THR A 29 -7.16 -2.03 6.84
C THR A 29 -8.07 -2.83 7.76
N VAL A 30 -8.80 -3.80 7.23
CA VAL A 30 -9.70 -4.64 8.05
C VAL A 30 -8.82 -5.35 9.07
N LEU A 31 -7.72 -5.94 8.63
CA LEU A 31 -6.78 -6.68 9.54
C LEU A 31 -6.19 -5.72 10.56
N SER A 32 -5.93 -4.47 10.20
CA SER A 32 -5.35 -3.47 11.12
C SER A 32 -6.30 -3.25 12.33
N LEU A 33 -7.57 -3.49 12.17
CA LEU A 33 -8.57 -3.26 13.26
C LEU A 33 -8.83 -4.54 14.04
N GLY A 34 -8.08 -5.62 13.83
CA GLY A 34 -8.25 -6.88 14.57
C GLY A 34 -9.44 -7.65 14.05
N ILE A 35 -9.86 -7.37 12.83
CA ILE A 35 -11.00 -8.08 12.21
C ILE A 35 -10.44 -9.09 11.22
N GLU A 36 -11.02 -10.28 11.20
CA GLU A 36 -10.68 -11.35 10.24
C GLU A 36 -11.53 -11.24 8.97
N LEU A 37 -11.02 -11.74 7.86
CA LEU A 37 -11.71 -11.76 6.56
C LEU A 37 -12.22 -13.17 6.29
N GLU A 38 -13.51 -13.26 6.00
CA GLU A 38 -14.14 -14.49 5.42
C GLU A 38 -13.53 -14.75 4.04
N GLY A 39 -13.36 -13.67 3.28
CA GLY A 39 -12.81 -13.75 1.93
C GLY A 39 -12.01 -12.52 1.54
N ALA A 40 -11.01 -12.71 0.70
CA ALA A 40 -10.22 -11.61 0.13
C ALA A 40 -9.88 -11.99 -1.30
N ALA A 41 -9.65 -11.00 -2.15
CA ALA A 41 -9.29 -11.24 -3.55
C ALA A 41 -7.82 -11.59 -3.61
N ASN A 42 -7.47 -12.58 -4.43
CA ASN A 42 -6.09 -13.02 -4.78
C ASN A 42 -5.22 -13.08 -3.52
N ILE A 43 -5.39 -14.15 -2.76
CA ILE A 43 -4.65 -14.34 -1.49
C ILE A 43 -3.18 -14.64 -1.78
N SER A 44 -2.86 -15.42 -2.83
CA SER A 44 -1.45 -15.72 -3.15
C SER A 44 -0.72 -14.42 -3.50
N GLY A 45 -1.37 -13.53 -4.26
CA GLY A 45 -0.84 -12.17 -4.52
C GLY A 45 -0.69 -11.34 -3.24
N TYR A 46 -1.67 -11.34 -2.36
CA TYR A 46 -1.55 -10.61 -1.07
C TYR A 46 -0.31 -11.10 -0.31
N GLN A 47 -0.17 -12.42 -0.24
CA GLN A 47 0.97 -13.09 0.44
C GLN A 47 2.31 -12.67 -0.16
N GLN A 48 2.41 -12.61 -1.49
CA GLN A 48 3.65 -12.25 -2.23
C GLN A 48 3.95 -10.75 -2.11
N TRP A 49 2.97 -9.89 -2.40
CA TRP A 49 3.21 -8.44 -2.61
C TRP A 49 2.93 -7.65 -1.32
N VAL A 50 2.12 -8.17 -0.41
CA VAL A 50 1.74 -7.42 0.82
C VAL A 50 2.44 -8.06 2.02
N ALA A 51 2.23 -9.36 2.23
CA ALA A 51 2.92 -10.22 3.24
C ALA A 51 2.38 -9.96 4.65
N GLU A 52 2.49 -8.73 5.15
CA GLU A 52 1.96 -8.34 6.46
C GLU A 52 1.02 -7.16 6.29
N PRO A 53 -0.02 -7.05 7.14
CA PRO A 53 -0.30 -8.05 8.16
C PRO A 53 -0.81 -9.40 7.62
N HIS A 54 -0.59 -10.48 8.38
CA HIS A 54 -0.96 -11.87 7.99
C HIS A 54 -2.48 -11.92 7.90
N LEU A 55 -2.99 -12.39 6.77
CA LEU A 55 -4.39 -12.83 6.57
C LEU A 55 -4.65 -13.99 7.56
N ASN A 56 -5.85 -14.05 8.14
CA ASN A 56 -6.34 -15.14 9.02
C ASN A 56 -6.40 -16.46 8.23
N ALA A 57 -6.28 -17.57 8.98
CA ALA A 57 -6.17 -18.96 8.49
C ALA A 57 -7.28 -19.28 7.48
N ASP A 58 -8.53 -19.11 7.89
CA ASP A 58 -9.72 -19.60 7.16
C ASP A 58 -10.11 -18.66 6.00
N ALA A 59 -9.36 -17.59 5.71
CA ALA A 59 -9.75 -16.64 4.63
C ALA A 59 -9.88 -17.38 3.31
N ILE A 60 -10.95 -17.13 2.56
CA ILE A 60 -11.21 -17.79 1.25
C ILE A 60 -10.83 -16.80 0.15
N ASP A 61 -10.15 -17.29 -0.87
CA ASP A 61 -9.84 -16.53 -2.10
C ASP A 61 -11.13 -16.39 -2.91
N VAL A 62 -11.59 -15.15 -3.07
CA VAL A 62 -12.90 -14.90 -3.74
C VAL A 62 -12.71 -14.33 -5.14
N GLY A 63 -11.56 -14.58 -5.75
CA GLY A 63 -11.29 -14.22 -7.16
C GLY A 63 -10.15 -13.24 -7.28
N SER A 64 -9.84 -12.81 -8.48
CA SER A 64 -8.86 -11.72 -8.69
C SER A 64 -9.44 -10.38 -8.20
N ARG A 65 -8.57 -9.39 -8.07
CA ARG A 65 -8.98 -8.02 -7.67
C ARG A 65 -9.94 -7.47 -8.73
N ARG A 66 -9.74 -7.81 -9.99
CA ARG A 66 -10.54 -7.31 -11.14
C ARG A 66 -11.82 -8.16 -11.35
N GLU A 67 -11.84 -9.44 -10.97
CA GLU A 67 -12.92 -10.42 -11.28
C GLU A 67 -13.34 -11.20 -10.04
N PRO A 68 -14.23 -10.65 -9.21
CA PRO A 68 -14.74 -11.42 -8.08
C PRO A 68 -15.54 -12.63 -8.57
N ASN A 69 -15.44 -13.72 -7.84
CA ASN A 69 -16.20 -14.97 -8.06
C ASN A 69 -17.60 -14.81 -7.47
N LEU A 70 -18.58 -14.44 -8.30
CA LEU A 70 -19.99 -14.16 -7.84
C LEU A 70 -20.66 -15.43 -7.31
N GLU A 71 -20.44 -16.59 -7.94
CA GLU A 71 -20.99 -17.90 -7.51
C GLU A 71 -20.48 -18.22 -6.10
N LEU A 72 -19.17 -18.10 -5.88
CA LEU A 72 -18.58 -18.42 -4.57
C LEU A 72 -19.10 -17.42 -3.52
N LEU A 73 -19.11 -16.13 -3.84
CA LEU A 73 -19.55 -15.08 -2.89
C LEU A 73 -21.01 -15.36 -2.50
N SER A 74 -21.84 -15.75 -3.47
CA SER A 74 -23.25 -16.10 -3.22
C SER A 74 -23.29 -17.30 -2.26
N ASN A 75 -22.42 -18.29 -2.47
CA ASN A 75 -22.39 -19.52 -1.62
C ASN A 75 -21.94 -19.18 -0.18
N ILE A 76 -21.00 -18.24 0.01
CA ILE A 76 -20.40 -18.01 1.35
C ILE A 76 -21.20 -16.94 2.11
N LYS A 77 -22.06 -16.16 1.46
CA LYS A 77 -23.07 -15.28 2.12
C LYS A 77 -22.38 -14.27 3.02
N PRO A 78 -21.55 -13.37 2.49
CA PRO A 78 -20.95 -12.34 3.33
C PRO A 78 -21.99 -11.37 3.93
N ASP A 79 -21.65 -10.77 5.08
CA ASP A 79 -22.42 -9.67 5.73
C ASP A 79 -22.03 -8.31 5.15
N VAL A 80 -20.81 -8.17 4.59
CA VAL A 80 -20.37 -6.92 3.93
C VAL A 80 -19.25 -7.22 2.92
N ILE A 81 -19.25 -6.46 1.82
CA ILE A 81 -18.26 -6.56 0.72
C ILE A 81 -17.67 -5.17 0.59
N LEU A 82 -16.34 -5.08 0.69
CA LEU A 82 -15.58 -3.83 0.61
C LEU A 82 -14.86 -3.76 -0.73
N ILE A 83 -15.09 -2.66 -1.46
CA ILE A 83 -14.42 -2.40 -2.78
C ILE A 83 -13.96 -0.95 -2.85
N SER A 84 -13.10 -0.66 -3.81
CA SER A 84 -12.77 0.74 -4.20
C SER A 84 -13.57 1.14 -5.43
N LYS A 85 -13.50 2.42 -5.78
CA LYS A 85 -14.09 2.98 -7.02
C LYS A 85 -13.45 2.31 -8.25
N HIS A 86 -12.29 1.66 -8.10
CA HIS A 86 -11.64 0.98 -9.23
C HIS A 86 -12.45 -0.29 -9.59
N LEU A 87 -13.36 -0.72 -8.73
CA LEU A 87 -14.21 -1.91 -9.03
C LEU A 87 -15.69 -1.48 -9.07
N ALA A 88 -16.00 -0.20 -9.26
CA ALA A 88 -17.38 0.32 -9.17
C ALA A 88 -18.31 -0.34 -10.20
N ALA A 89 -17.79 -0.86 -11.31
CA ALA A 89 -18.59 -1.53 -12.34
C ALA A 89 -19.16 -2.82 -11.76
N ALA A 90 -18.58 -3.35 -10.66
CA ALA A 90 -19.11 -4.55 -9.98
C ALA A 90 -20.05 -4.19 -8.81
N TYR A 91 -20.27 -2.90 -8.54
CA TYR A 91 -21.04 -2.45 -7.35
C TYR A 91 -22.45 -3.07 -7.37
N GLU A 92 -23.17 -2.88 -8.48
CA GLU A 92 -24.59 -3.34 -8.56
C GLU A 92 -24.64 -4.86 -8.52
N PRO A 93 -23.84 -5.64 -9.31
CA PRO A 93 -23.87 -7.09 -9.19
C PRO A 93 -23.56 -7.62 -7.78
N LEU A 94 -22.54 -7.04 -7.11
CA LEU A 94 -22.12 -7.52 -5.77
C LEU A 94 -23.23 -7.16 -4.78
N SER A 95 -23.89 -6.04 -4.97
CA SER A 95 -25.02 -5.56 -4.14
C SER A 95 -26.16 -6.58 -4.08
N LYS A 96 -26.34 -7.42 -5.09
CA LYS A 96 -27.37 -8.49 -5.04
C LYS A 96 -26.96 -9.56 -4.03
N ILE A 97 -25.68 -9.65 -3.67
CA ILE A 97 -25.19 -10.74 -2.77
C ILE A 97 -25.21 -10.24 -1.33
N ALA A 98 -24.70 -9.04 -1.11
CA ALA A 98 -24.55 -8.49 0.24
C ALA A 98 -24.38 -6.99 0.16
N PRO A 99 -24.53 -6.29 1.30
CA PRO A 99 -24.20 -4.87 1.36
C PRO A 99 -22.74 -4.62 0.92
N VAL A 100 -22.56 -3.65 0.01
CA VAL A 100 -21.28 -3.21 -0.58
C VAL A 100 -20.96 -1.79 -0.14
N LEU A 101 -19.80 -1.59 0.46
CA LEU A 101 -19.27 -0.24 0.78
C LEU A 101 -18.10 0.04 -0.15
N VAL A 102 -18.02 1.27 -0.63
CA VAL A 102 -17.03 1.75 -1.60
C VAL A 102 -16.07 2.70 -0.90
N TYR A 103 -14.80 2.27 -0.77
CA TYR A 103 -13.73 3.08 -0.15
C TYR A 103 -12.46 3.02 -0.99
N SER A 104 -11.93 4.18 -1.34
CA SER A 104 -10.85 4.32 -2.34
C SER A 104 -9.65 5.01 -1.69
N VAL A 105 -8.61 4.26 -1.29
CA VAL A 105 -7.38 4.90 -0.72
C VAL A 105 -6.67 5.65 -1.85
N TYR A 106 -6.72 5.12 -3.07
CA TYR A 106 -6.02 5.66 -4.26
C TYR A 106 -7.09 6.27 -5.16
N SER A 107 -7.12 7.60 -5.18
CA SER A 107 -8.06 8.38 -6.01
C SER A 107 -7.33 9.60 -6.56
N GLU A 108 -8.05 10.48 -7.26
CA GLU A 108 -7.45 11.67 -7.92
C GLU A 108 -7.10 12.72 -6.87
N ASP A 109 -7.57 12.53 -5.64
CA ASP A 109 -7.06 13.26 -4.43
C ASP A 109 -5.54 13.13 -4.26
N LYS A 110 -4.99 11.96 -4.58
CA LYS A 110 -3.53 11.69 -4.48
C LYS A 110 -3.05 12.06 -3.06
N GLN A 111 -3.78 11.60 -2.05
CA GLN A 111 -3.45 11.72 -0.61
C GLN A 111 -3.75 10.38 0.03
N PRO A 112 -2.95 9.33 -0.28
CA PRO A 112 -3.27 7.98 0.18
C PRO A 112 -3.22 7.87 1.70
N LEU A 113 -2.28 8.54 2.37
CA LEU A 113 -2.18 8.37 3.83
C LEU A 113 -3.43 8.96 4.47
N GLU A 114 -3.84 10.15 4.03
CA GLU A 114 -5.06 10.83 4.56
C GLU A 114 -6.31 10.00 4.25
N SER A 115 -6.44 9.50 3.02
CA SER A 115 -7.54 8.59 2.60
C SER A 115 -7.59 7.32 3.49
N ALA A 116 -6.45 6.66 3.72
CA ALA A 116 -6.37 5.46 4.58
C ALA A 116 -6.83 5.83 6.01
N LYS A 117 -6.50 7.02 6.51
CA LYS A 117 -7.00 7.48 7.84
C LYS A 117 -8.55 7.58 7.82
N ARG A 118 -9.10 8.31 6.86
CA ARG A 118 -10.57 8.49 6.66
C ARG A 118 -11.20 7.11 6.61
N ILE A 119 -10.61 6.19 5.85
CA ILE A 119 -11.21 4.86 5.64
C ILE A 119 -11.02 3.99 6.88
N THR A 120 -9.87 4.08 7.57
CA THR A 120 -9.67 3.36 8.84
C THR A 120 -10.76 3.79 9.84
N ARG A 121 -11.14 5.07 9.83
CA ARG A 121 -12.20 5.62 10.72
C ARG A 121 -13.58 5.05 10.33
N SER A 122 -13.95 5.07 9.07
CA SER A 122 -15.23 4.50 8.58
C SER A 122 -15.32 3.02 8.96
N LEU A 123 -14.28 2.22 8.67
CA LEU A 123 -14.31 0.77 9.00
C LEU A 123 -14.28 0.59 10.50
N GLY A 124 -13.69 1.51 11.25
CA GLY A 124 -13.73 1.44 12.72
C GLY A 124 -15.15 1.59 13.23
N LYS A 125 -15.90 2.50 12.61
CA LYS A 125 -17.35 2.65 12.89
C LYS A 125 -18.09 1.38 12.48
N LEU A 126 -17.85 0.86 11.28
CA LEU A 126 -18.57 -0.35 10.77
C LEU A 126 -18.42 -1.52 11.77
N PHE A 127 -17.21 -1.77 12.28
CA PHE A 127 -16.90 -2.98 13.08
C PHE A 127 -16.90 -2.69 14.58
N ASP A 128 -17.33 -1.51 15.03
CA ASP A 128 -17.31 -1.12 16.47
C ASP A 128 -15.87 -1.24 16.99
N LYS A 129 -14.90 -0.76 16.21
CA LYS A 129 -13.45 -0.73 16.55
C LYS A 129 -12.94 0.72 16.48
N GLU A 130 -13.74 1.72 16.85
CA GLU A 130 -13.38 3.15 16.68
C GLU A 130 -12.11 3.49 17.46
N GLN A 131 -11.95 2.97 18.67
CA GLN A 131 -10.77 3.26 19.52
C GLN A 131 -9.52 2.67 18.85
N GLN A 132 -9.64 1.47 18.30
CA GLN A 132 -8.53 0.78 17.63
C GLN A 132 -8.17 1.62 16.40
N ALA A 133 -9.17 2.09 15.66
CA ALA A 133 -8.93 2.94 14.45
C ALA A 133 -8.12 4.18 14.85
N GLU A 134 -8.52 4.88 15.91
CA GLU A 134 -7.84 6.14 16.33
C GLU A 134 -6.39 5.82 16.72
N GLN A 135 -6.13 4.65 17.30
CA GLN A 135 -4.75 4.29 17.72
C GLN A 135 -3.90 3.87 16.52
N VAL A 136 -4.46 3.21 15.50
CA VAL A 136 -3.67 2.90 14.28
C VAL A 136 -3.24 4.24 13.66
N ILE A 137 -4.15 5.20 13.57
CA ILE A 137 -3.89 6.55 12.98
C ILE A 137 -2.79 7.25 13.81
N ALA A 138 -2.96 7.36 15.11
CA ALA A 138 -2.01 8.05 16.02
C ALA A 138 -0.64 7.37 15.99
N GLN A 139 -0.60 6.04 15.99
CA GLN A 139 0.68 5.29 16.03
C GLN A 139 1.38 5.47 14.69
N THR A 140 0.64 5.59 13.58
CA THR A 140 1.22 5.83 12.24
C THR A 140 1.93 7.19 12.24
N ASP A 141 1.24 8.24 12.67
CA ASP A 141 1.79 9.62 12.73
C ASP A 141 3.00 9.64 13.69
N GLN A 142 2.87 9.04 14.87
CA GLN A 142 3.96 8.90 15.88
C GLN A 142 5.19 8.25 15.23
N ARG A 143 5.01 7.16 14.51
CA ARG A 143 6.18 6.40 14.00
C ARG A 143 6.87 7.20 12.89
N LEU A 144 6.11 7.86 12.02
CA LEU A 144 6.67 8.66 10.92
C LEU A 144 7.50 9.79 11.51
N ALA A 145 6.93 10.56 12.43
CA ALA A 145 7.61 11.72 13.03
C ALA A 145 8.88 11.24 13.74
N ALA A 146 8.76 10.22 14.59
CA ALA A 146 9.88 9.71 15.42
C ALA A 146 11.00 9.19 14.52
N ASN A 147 10.67 8.36 13.52
CA ASN A 147 11.63 7.87 12.52
C ASN A 147 12.27 9.03 11.77
N GLY A 148 11.48 10.04 11.35
CA GLY A 148 11.98 11.26 10.68
C GLY A 148 13.00 12.01 11.51
N ALA A 149 12.68 12.22 12.79
CA ALA A 149 13.53 12.94 13.78
C ALA A 149 14.85 12.19 13.93
N LYS A 150 14.80 10.86 13.97
CA LYS A 150 16.00 9.99 14.10
C LYS A 150 16.89 10.16 12.87
N ILE A 151 16.34 9.99 11.68
CA ILE A 151 17.13 10.07 10.41
C ILE A 151 17.72 11.49 10.30
N THR A 152 16.92 12.51 10.58
CA THR A 152 17.35 13.91 10.45
C THR A 152 18.50 14.14 11.46
N SER A 153 18.34 13.75 12.72
CA SER A 153 19.35 13.90 13.79
C SER A 153 20.65 13.17 13.43
N ALA A 154 20.58 12.05 12.72
CA ALA A 154 21.76 11.23 12.36
C ALA A 154 22.48 11.85 11.15
N GLY A 155 21.92 12.88 10.52
CA GLY A 155 22.58 13.61 9.43
C GLY A 155 22.37 12.89 8.12
N LYS A 156 21.31 12.10 8.04
CA LYS A 156 21.06 11.18 6.91
C LYS A 156 19.85 11.65 6.11
N ALA A 157 19.25 12.79 6.44
CA ALA A 157 18.02 13.26 5.77
C ALA A 157 18.37 14.13 4.54
N GLU A 158 19.62 14.49 4.34
CA GLU A 158 20.05 15.46 3.29
C GLU A 158 20.03 14.81 1.90
N LYS A 159 20.40 13.55 1.78
CA LYS A 159 20.45 12.83 0.49
C LYS A 159 19.01 12.51 0.08
N PRO A 160 18.58 12.87 -1.15
CA PRO A 160 17.24 12.54 -1.60
C PRO A 160 17.10 11.03 -1.89
N LEU A 161 15.86 10.60 -1.92
CA LEU A 161 15.50 9.18 -2.12
C LEU A 161 14.87 9.02 -3.50
N LEU A 162 15.13 7.89 -4.13
CA LEU A 162 14.44 7.48 -5.36
C LEU A 162 13.78 6.13 -5.05
N PHE A 163 12.47 6.03 -5.19
CA PHE A 163 11.73 4.76 -4.93
C PHE A 163 11.37 4.09 -6.25
N ALA A 164 11.91 2.89 -6.49
CA ALA A 164 11.77 2.17 -7.77
C ALA A 164 11.14 0.80 -7.56
N ARG A 165 10.13 0.48 -8.36
CA ARG A 165 9.63 -0.90 -8.57
C ARG A 165 10.27 -1.41 -9.87
N PHE A 166 10.99 -2.52 -9.82
CA PHE A 166 11.45 -3.23 -11.03
C PHE A 166 10.22 -3.80 -11.76
N ILE A 167 10.01 -3.45 -13.04
CA ILE A 167 8.95 -4.00 -13.93
C ILE A 167 9.59 -4.99 -14.91
N ASN A 168 10.64 -4.61 -15.64
CA ASN A 168 11.43 -5.56 -16.47
C ASN A 168 12.84 -5.01 -16.60
N ASP A 169 13.67 -5.63 -17.44
CA ASP A 169 15.09 -5.26 -17.69
C ASP A 169 15.22 -3.76 -18.01
N LYS A 170 14.24 -3.19 -18.71
CA LYS A 170 14.34 -1.81 -19.26
C LYS A 170 13.27 -0.87 -18.67
N THR A 171 12.45 -1.31 -17.70
CA THR A 171 11.23 -0.59 -17.23
C THR A 171 11.18 -0.53 -15.69
N LEU A 172 10.86 0.64 -15.15
CA LEU A 172 10.67 0.88 -13.70
C LEU A 172 9.37 1.66 -13.46
N ARG A 173 8.77 1.50 -12.29
CA ARG A 173 7.81 2.47 -11.72
C ARG A 173 8.56 3.28 -10.67
N ILE A 174 8.65 4.59 -10.85
CA ILE A 174 9.24 5.51 -9.85
C ILE A 174 8.10 6.19 -9.08
N HIS A 175 8.12 6.03 -7.76
CA HIS A 175 7.06 6.52 -6.85
C HIS A 175 7.38 7.94 -6.36
N SER A 176 6.45 8.87 -6.59
CA SER A 176 6.56 10.26 -6.09
C SER A 176 5.17 10.80 -5.70
N GLU A 177 4.76 11.97 -6.19
CA GLU A 177 3.51 12.65 -5.77
C GLU A 177 2.31 11.68 -5.87
N GLY A 178 1.61 11.50 -4.75
CA GLY A 178 0.40 10.67 -4.64
C GLY A 178 0.67 9.26 -4.21
N SER A 179 1.93 8.84 -4.07
CA SER A 179 2.31 7.47 -3.66
C SER A 179 2.32 7.38 -2.13
N LEU A 180 2.06 6.18 -1.64
CA LEU A 180 2.18 5.87 -0.21
C LEU A 180 3.62 6.17 0.21
N ALA A 181 4.59 5.76 -0.60
CA ALA A 181 6.03 5.92 -0.29
C ALA A 181 6.31 7.41 -0.11
N GLN A 182 5.73 8.25 -0.96
CA GLN A 182 5.99 9.70 -0.90
C GLN A 182 5.30 10.27 0.35
N ASP A 183 4.08 9.89 0.64
CA ASP A 183 3.39 10.39 1.86
C ASP A 183 4.23 9.97 3.08
N THR A 184 4.78 8.76 3.07
CA THR A 184 5.59 8.26 4.20
C THR A 184 6.85 9.11 4.34
N ILE A 185 7.61 9.30 3.28
CA ILE A 185 8.94 9.94 3.45
C ILE A 185 8.76 11.45 3.62
N ASN A 186 7.69 12.03 3.10
CA ASN A 186 7.38 13.45 3.34
C ASN A 186 7.14 13.69 4.83
N ALA A 187 6.40 12.78 5.44
CA ALA A 187 6.10 12.80 6.87
C ALA A 187 7.38 12.57 7.69
N MET A 188 8.38 11.90 7.12
CA MET A 188 9.65 11.63 7.84
C MET A 188 10.68 12.73 7.53
N GLY A 189 10.28 13.79 6.82
CA GLY A 189 11.15 14.94 6.54
C GLY A 189 12.20 14.61 5.49
N LEU A 190 11.99 13.62 4.63
CA LEU A 190 12.94 13.31 3.54
C LEU A 190 12.48 13.93 2.22
N LYS A 191 13.38 13.92 1.27
CA LYS A 191 13.20 14.53 -0.06
C LYS A 191 13.14 13.42 -1.10
N ASN A 192 12.20 13.56 -2.03
CA ASN A 192 12.09 12.68 -3.22
C ASN A 192 12.90 13.29 -4.37
N ASP A 193 13.85 12.54 -4.92
CA ASP A 193 14.63 12.98 -6.10
C ASP A 193 13.78 12.97 -7.37
N TRP A 194 12.64 12.28 -7.40
CA TRP A 194 11.78 12.18 -8.61
C TRP A 194 10.73 13.29 -8.59
N GLN A 195 10.74 14.19 -9.57
CA GLN A 195 9.80 15.34 -9.62
C GLN A 195 8.98 15.30 -10.93
N GLU A 196 8.99 14.18 -11.65
CA GLU A 196 8.20 14.00 -12.89
C GLU A 196 6.75 13.76 -12.51
N PRO A 197 5.78 14.04 -13.42
CA PRO A 197 4.37 13.79 -13.14
C PRO A 197 4.06 12.29 -12.95
N THR A 198 3.11 12.02 -12.08
CA THR A 198 2.68 10.67 -11.64
C THR A 198 1.20 10.45 -11.92
N ASN A 199 0.78 9.19 -11.99
CA ASN A 199 -0.66 8.87 -12.14
C ASN A 199 -1.31 8.99 -10.75
N LEU A 200 -2.60 8.71 -10.67
CA LEU A 200 -3.32 8.81 -9.38
C LEU A 200 -2.82 7.76 -8.39
N TRP A 201 -2.08 6.72 -8.81
CA TRP A 201 -1.47 5.76 -7.87
C TRP A 201 -0.11 6.27 -7.32
N GLY A 202 0.40 7.36 -7.86
CA GLY A 202 1.60 8.06 -7.38
C GLY A 202 2.91 7.63 -8.03
N PHE A 203 2.89 7.02 -9.23
CA PHE A 203 4.13 6.55 -9.89
C PHE A 203 4.10 6.97 -11.36
N THR A 204 5.31 6.98 -11.90
CA THR A 204 5.60 7.20 -13.33
C THR A 204 6.26 5.92 -13.80
N THR A 205 5.76 5.35 -14.89
CA THR A 205 6.46 4.26 -15.59
C THR A 205 7.55 4.84 -16.47
N THR A 206 8.80 4.42 -16.32
CA THR A 206 9.93 5.00 -17.06
C THR A 206 10.90 3.93 -17.53
N GLY A 207 11.77 4.27 -18.49
CA GLY A 207 12.93 3.44 -18.80
C GLY A 207 14.00 3.57 -17.74
N THR A 208 14.87 2.58 -17.61
CA THR A 208 15.91 2.54 -16.56
C THR A 208 16.99 3.59 -16.83
N GLU A 209 17.15 4.03 -18.09
CA GLU A 209 18.12 5.07 -18.51
C GLU A 209 17.82 6.37 -17.75
N LYS A 210 16.59 6.60 -17.34
CA LYS A 210 16.21 7.77 -16.50
C LYS A 210 16.95 7.76 -15.16
N LEU A 211 17.41 6.62 -14.64
CA LEU A 211 18.19 6.59 -13.39
C LEU A 211 19.43 7.50 -13.52
N ALA A 212 19.94 7.67 -14.75
CA ALA A 212 21.20 8.43 -15.02
C ALA A 212 21.05 9.89 -14.56
N GLU A 213 19.84 10.41 -14.53
CA GLU A 213 19.58 11.81 -14.08
C GLU A 213 19.30 11.86 -12.58
N HIS A 214 19.54 10.77 -11.83
CA HIS A 214 19.16 10.65 -10.39
C HIS A 214 20.25 9.96 -9.59
N GLN A 215 21.52 10.19 -9.97
CA GLN A 215 22.67 9.43 -9.41
C GLN A 215 23.05 9.91 -8.02
N LYS A 216 22.54 11.05 -7.55
CA LYS A 216 22.90 11.58 -6.21
C LYS A 216 21.97 10.99 -5.12
N ALA A 217 20.97 10.21 -5.50
CA ALA A 217 19.93 9.67 -4.58
C ALA A 217 20.39 8.40 -3.87
N ASN A 218 19.83 8.17 -2.68
CA ASN A 218 19.67 6.81 -2.09
C ASN A 218 18.50 6.13 -2.80
N VAL A 219 18.77 5.01 -3.46
CA VAL A 219 17.78 4.25 -4.28
C VAL A 219 17.26 3.12 -3.39
N MET A 220 15.95 3.12 -3.20
CA MET A 220 15.18 2.07 -2.50
C MET A 220 14.41 1.27 -3.55
N ILE A 221 14.68 -0.01 -3.63
CA ILE A 221 14.02 -0.93 -4.58
C ILE A 221 12.97 -1.70 -3.80
N PHE A 222 11.74 -1.64 -4.25
CA PHE A 222 10.60 -2.31 -3.59
C PHE A 222 10.83 -3.83 -3.72
N GLY A 223 10.40 -4.55 -2.69
CA GLY A 223 10.39 -6.02 -2.68
C GLY A 223 8.97 -6.51 -2.92
N PRO A 224 8.79 -7.80 -3.19
CA PRO A 224 9.91 -8.76 -3.32
C PRO A 224 10.50 -8.70 -4.73
N LEU A 225 11.71 -9.22 -4.92
CA LEU A 225 12.34 -9.41 -6.25
C LEU A 225 12.60 -10.91 -6.46
N SER A 226 12.29 -11.44 -7.63
CA SER A 226 12.62 -12.84 -7.98
C SER A 226 14.13 -12.99 -8.11
N GLN A 227 14.62 -14.23 -8.09
CA GLN A 227 16.06 -14.52 -8.33
C GLN A 227 16.43 -13.94 -9.70
N GLU A 228 15.54 -14.05 -10.69
CA GLU A 228 15.86 -13.62 -12.08
C GLU A 228 15.93 -12.10 -12.14
N GLU A 229 14.96 -11.42 -11.53
CA GLU A 229 14.92 -9.94 -11.38
C GLU A 229 16.22 -9.47 -10.71
N ARG A 230 16.60 -10.02 -9.56
CA ARG A 230 17.79 -9.51 -8.83
C ARG A 230 19.07 -9.74 -9.64
N GLN A 231 19.16 -10.84 -10.40
CA GLN A 231 20.34 -11.10 -11.28
C GLN A 231 20.40 -10.04 -12.38
N GLN A 232 19.24 -9.66 -12.94
CA GLN A 232 19.14 -8.62 -13.99
C GLN A 232 19.74 -7.31 -13.45
N LEU A 233 19.49 -6.92 -12.18
CA LEU A 233 20.01 -5.66 -11.57
C LEU A 233 21.51 -5.81 -11.23
N THR A 234 21.90 -6.92 -10.61
CA THR A 234 23.30 -7.22 -10.22
C THR A 234 24.21 -7.14 -11.45
N GLN A 235 23.74 -7.66 -12.60
CA GLN A 235 24.54 -7.88 -13.83
C GLN A 235 24.37 -6.77 -14.87
N SER A 236 23.36 -5.88 -14.73
CA SER A 236 23.07 -4.76 -15.67
C SER A 236 24.25 -3.78 -15.72
N PRO A 237 24.92 -3.62 -16.88
CA PRO A 237 25.90 -2.55 -17.07
C PRO A 237 25.39 -1.14 -16.72
N LEU A 238 24.13 -0.87 -17.05
CA LEU A 238 23.51 0.45 -16.74
C LEU A 238 23.56 0.66 -15.23
N TRP A 239 22.96 -0.23 -14.44
CA TRP A 239 22.88 -0.14 -12.95
C TRP A 239 24.29 -0.05 -12.34
N GLN A 240 25.24 -0.86 -12.78
CA GLN A 240 26.59 -0.91 -12.17
C GLN A 240 27.38 0.37 -12.50
N ALA A 241 27.03 1.06 -13.57
CA ALA A 241 27.66 2.34 -13.97
C ALA A 241 27.16 3.49 -13.09
N MET A 242 26.04 3.34 -12.36
CA MET A 242 25.42 4.49 -11.66
C MET A 242 26.15 4.76 -10.35
N GLU A 243 26.29 6.04 -9.99
CA GLU A 243 26.99 6.48 -8.75
C GLU A 243 26.43 5.73 -7.54
N PHE A 244 25.10 5.60 -7.43
CA PHE A 244 24.46 4.96 -6.25
C PHE A 244 24.91 3.51 -6.13
N SER A 245 25.19 2.83 -7.26
CA SER A 245 25.74 1.44 -7.27
C SER A 245 27.20 1.42 -6.78
N ARG A 246 28.01 2.41 -7.16
CA ARG A 246 29.44 2.50 -6.79
C ARG A 246 29.58 2.91 -5.34
N THR A 247 28.62 3.66 -4.78
CA THR A 247 28.73 4.20 -3.40
C THR A 247 27.84 3.44 -2.42
N ASP A 248 27.41 2.21 -2.74
CA ASP A 248 26.68 1.34 -1.79
C ASP A 248 25.40 2.05 -1.33
N SER A 249 24.70 2.74 -2.23
CA SER A 249 23.54 3.61 -1.91
C SER A 249 22.27 3.03 -2.53
N VAL A 250 22.24 1.70 -2.74
CA VAL A 250 21.08 0.91 -3.27
C VAL A 250 20.61 -0.07 -2.20
N TYR A 251 19.34 0.02 -1.81
CA TYR A 251 18.73 -0.80 -0.75
C TYR A 251 17.56 -1.57 -1.35
N GLU A 252 17.58 -2.89 -1.24
CA GLU A 252 16.44 -3.78 -1.61
C GLU A 252 15.54 -3.91 -0.39
N LEU A 253 14.31 -3.39 -0.44
CA LEU A 253 13.33 -3.49 0.67
C LEU A 253 12.68 -4.87 0.68
N PRO A 254 12.10 -5.31 1.81
CA PRO A 254 11.31 -6.53 1.84
C PRO A 254 9.97 -6.28 1.13
N ALA A 255 9.13 -7.29 1.07
CA ALA A 255 7.77 -7.17 0.50
C ALA A 255 6.96 -6.21 1.38
N ILE A 256 6.79 -4.96 0.91
CA ILE A 256 5.87 -3.94 1.50
C ILE A 256 5.07 -3.38 0.34
N TRP A 257 3.76 -3.41 0.45
CA TRP A 257 2.86 -3.08 -0.68
C TRP A 257 2.95 -1.57 -0.96
N THR A 258 3.32 -1.23 -2.19
CA THR A 258 3.39 0.17 -2.69
C THR A 258 1.99 0.82 -2.76
N PHE A 259 0.92 0.03 -2.77
CA PHE A 259 -0.49 0.55 -2.78
C PHE A 259 -1.21 0.13 -1.51
N GLY A 260 -0.48 0.06 -0.42
CA GLY A 260 -1.02 -0.38 0.88
C GLY A 260 -1.59 0.77 1.71
N GLY A 261 -1.70 0.54 3.01
CA GLY A 261 -2.38 1.47 3.92
C GLY A 261 -1.45 1.91 5.04
N LEU A 262 -2.04 2.23 6.19
CA LEU A 262 -1.29 2.77 7.37
C LEU A 262 -0.24 1.77 7.85
N LEU A 263 -0.54 0.46 7.82
CA LEU A 263 0.46 -0.55 8.28
C LEU A 263 1.61 -0.70 7.28
N ALA A 264 1.35 -0.60 5.97
CA ALA A 264 2.43 -0.54 4.97
C ALA A 264 3.33 0.68 5.22
N ALA A 265 2.73 1.84 5.48
CA ALA A 265 3.48 3.08 5.72
C ALA A 265 4.37 2.90 6.95
N GLN A 266 3.83 2.31 8.02
CA GLN A 266 4.57 2.03 9.28
C GLN A 266 5.78 1.16 8.96
N ARG A 267 5.58 0.08 8.23
CA ARG A 267 6.67 -0.88 7.98
C ARG A 267 7.71 -0.27 7.06
N LEU A 268 7.26 0.45 6.04
CA LEU A 268 8.19 1.10 5.10
C LEU A 268 9.06 2.09 5.91
N SER A 269 8.45 2.85 6.81
CA SER A 269 9.12 3.88 7.62
C SER A 269 10.21 3.22 8.47
N ASP A 270 9.89 2.10 9.11
CA ASP A 270 10.81 1.35 10.01
C ASP A 270 12.02 0.86 9.19
N HIS A 271 11.78 0.26 8.02
CA HIS A 271 12.83 -0.36 7.19
C HIS A 271 13.75 0.74 6.63
N ILE A 272 13.21 1.84 6.11
CA ILE A 272 14.05 2.99 5.64
C ILE A 272 14.92 3.46 6.81
N THR A 273 14.34 3.61 8.00
CA THR A 273 15.04 4.16 9.17
C THR A 273 16.20 3.21 9.49
N GLY A 274 15.94 1.91 9.52
CA GLY A 274 16.94 0.87 9.78
C GLY A 274 18.12 0.99 8.83
N ARG A 275 17.84 1.05 7.53
CA ARG A 275 18.88 1.04 6.47
C ARG A 275 19.68 2.34 6.52
N LEU A 276 19.05 3.50 6.75
CA LEU A 276 19.78 4.79 6.68
C LEU A 276 20.58 5.03 7.95
N THR A 277 20.23 4.41 9.08
CA THR A 277 20.90 4.66 10.38
C THR A 277 21.64 3.43 10.90
N GLN A 278 21.81 2.36 10.10
CA GLN A 278 22.64 1.20 10.51
C GLN A 278 24.12 1.60 10.53
C4 KTY B . -1.72 0.80 -10.62
C14 KTY B . 1.00 -6.80 -13.12
C5 KTY B . -2.91 0.26 -11.38
C6 KTY B . -2.82 0.52 -12.88
C11 KTY B . -2.23 -4.05 -12.36
C7 KTY B . -3.96 -0.10 -13.68
C8 KTY B . -4.24 -2.54 -13.62
C9 KTY B . -3.89 -3.92 -14.13
C10 KTY B . -3.30 -4.86 -13.09
C12 KTY B . -0.36 -4.84 -14.02
C13 KTY B . -0.34 -6.32 -13.63
N1 KTY B . -1.70 -1.17 -9.27
N2 KTY B . -3.62 -1.49 -14.12
C3 KTY B . -1.60 0.30 -9.18
N3 KTY B . -0.83 -4.03 -12.86
C1 KTY B . -3.25 -1.43 -7.29
C2 KTY B . -1.96 -1.83 -8.03
O1 KTY B . -1.93 -3.19 -8.31
O2 KTY B . -5.08 -2.41 -12.76
O3 KTY B . -2.36 -4.26 -10.97
C15 KTY B . 1.02 -8.32 -13.24
C16 KTY B . -0.17 -9.02 -12.60
N4 KTY B . -0.23 -8.75 -11.16
C17 KTY B . 0.73 -8.67 -10.23
O4 KTY B . 1.93 -8.73 -10.45
C18 KTY B . 0.26 -8.38 -8.83
C19 KTY B . 1.05 -7.18 -8.27
C20 KTY B . 0.78 -5.94 -9.15
O5 KTY B . -0.57 -5.60 -9.07
N5 KTY B . 1.74 -4.81 -9.13
C21 KTY B . 2.91 -4.84 -8.26
C22 KTY B . 4.15 -5.28 -9.05
C23 KTY B . 4.26 -4.92 -10.53
C24 KTY B . 4.71 -6.07 -11.41
O6 KTY B . 1.14 -3.48 -9.30
O7 KTY B . 0.12 -3.83 -11.75
O8 KTY B . -0.55 -1.64 -10.01
FE FE C . -0.68 -3.67 -9.92
FE FE D . -5.29 -9.74 -8.80
MG MG E . -4.63 -3.61 -4.09
MG MG F . 4.64 -0.46 -7.73
#